data_8BZO
#
_entry.id   8BZO
#
_cell.length_a   1.00
_cell.length_b   1.00
_cell.length_c   1.00
_cell.angle_alpha   90.00
_cell.angle_beta   90.00
_cell.angle_gamma   90.00
#
_symmetry.space_group_name_H-M   'P 1'
#
loop_
_entity.id
_entity.type
_entity.pdbx_description
1 polymer 'Cyclin-dependent kinase 2'
2 polymer Cyclin-A2
3 polymer 'Cyclin-dependent kinase inhibitor 1B'
#
loop_
_entity_poly.entity_id
_entity_poly.type
_entity_poly.pdbx_seq_one_letter_code
_entity_poly.pdbx_strand_id
1 'polypeptide(L)'
;MENFQKVEKIGEGTYGVVYKARNKLTGEVVALKKIRLDTETEGVPSTAIREISLLKELNHPNIVKLLDVIHTENKLYLVF
EFLHQDLKKFMDASALTGIPLPLIKSYLFQLLQGLAFCHSHRVLHRDLKPQNLLINTEGAIKLADFGLARAFGVPVRTY
(TPO)HEVVTLWYRAPEILLGCKYYSTAVDIWSLGCIFAEMVTRRALFPGDSEIDQLFRIFRTLGTPDEVVWPGVTSMPD
YKPSFPKWARQDFSKVVPPLDEDGRSLLSQMLHYDPNKRISAKAALAHPFFQDVTKPVPHLR
;
A
2 'polypeptide(L)'
;MLGNSAPGPATREAGSALLALQQTALQEDQENINPEKAAPVQQPRTRAALAVLKSGNPRGLAQQQRPKTRRVAPLKDLPV
NDEHVTVPPWKANSKQPAFTIHVDEAEKEAQKKPAESQKIEREDALAFNSAISLPGPRKPLVPLDYPMDGSFESPHTMDM
SIILEDEKPVSVNEVPDYHEDIHTYLREMEVKCKPKVGYMKKQPDITNSMRAILVDWLVEVGEEYKLQNETLHLAVNYID
RFLSSMSVLRGKLQLVGTAAMLLASKFEEIYPPEVAEFVYITDDTYTKKQVLRMEHLVLKVLTFDLAAPTVNQFLTQYFL
HQQPANCKVESLAMFLGELSLIDADPYLKYLPSVIAGAAFHLALYTVTGQSWPESLIRKTGYTLESLKPCLMDLHQTYLK
APQHAQQSIREKYKNSKYHGVSLLNPPETLNL
;
B
3 'polypeptide(L)'
;MSNVRVSNGSPSLERMDARQAEHPKPSACRNLFGPVDHEELTRDLEKHCRDMEEASQRKWNFDFQNHKPLEGKYEWQEVE
KGSLPEFYYRPPRPPKGACKVPAQESQDGSGSRPAAPLIGAPANSEDTHLVDPKTDPSDSQTGLAEQCAGIRKRPATD
;
C
#
# COMPACT_ATOMS: atom_id res chain seq x y z
N THR A 14 22.58 16.31 -10.90
CA THR A 14 23.99 16.00 -10.74
C THR A 14 24.66 17.01 -9.80
N TYR A 15 24.86 18.23 -10.29
CA TYR A 15 25.48 19.27 -9.47
C TYR A 15 24.49 19.79 -8.43
N GLY A 16 23.40 20.39 -8.89
CA GLY A 16 22.35 20.83 -7.98
C GLY A 16 21.41 19.69 -7.67
N VAL A 17 21.95 18.62 -7.11
CA VAL A 17 21.17 17.40 -6.91
C VAL A 17 20.04 17.61 -5.92
N VAL A 18 20.18 18.58 -5.01
CA VAL A 18 19.14 18.90 -4.06
C VAL A 18 19.04 20.41 -3.91
N TYR A 19 17.82 20.92 -3.86
CA TYR A 19 17.54 22.34 -3.62
C TYR A 19 16.80 22.42 -2.28
N LYS A 20 17.54 22.49 -1.19
CA LYS A 20 16.95 22.64 0.13
C LYS A 20 16.56 24.09 0.36
N ALA A 21 15.30 24.33 0.67
CA ALA A 21 14.76 25.68 0.76
C ALA A 21 14.20 25.91 2.17
N ARG A 22 14.86 26.78 2.93
CA ARG A 22 14.33 27.22 4.21
C ARG A 22 13.24 28.25 3.97
N ASN A 23 12.48 28.54 5.03
CA ASN A 23 11.40 29.51 4.98
C ASN A 23 11.77 30.76 5.77
N LYS A 24 11.35 31.91 5.25
CA LYS A 24 11.55 33.18 5.93
C LYS A 24 10.34 33.62 6.75
N LEU A 25 9.15 33.13 6.43
CA LEU A 25 7.94 33.49 7.16
C LEU A 25 7.64 32.52 8.28
N THR A 26 8.64 32.28 9.14
CA THR A 26 8.51 31.44 10.32
C THR A 26 7.93 30.07 9.97
N GLY A 27 8.41 29.50 8.86
CA GLY A 27 7.94 28.23 8.38
C GLY A 27 8.99 27.13 8.52
N GLU A 28 8.59 25.92 8.18
CA GLU A 28 9.47 24.77 8.23
C GLU A 28 10.49 24.84 7.08
N VAL A 29 11.33 23.81 7.01
CA VAL A 29 12.35 23.71 5.97
C VAL A 29 11.95 22.61 5.00
N VAL A 30 11.90 22.92 3.73
CA VAL A 30 11.49 21.97 2.70
C VAL A 30 12.72 21.54 1.91
N ALA A 31 12.65 20.33 1.38
CA ALA A 31 13.70 19.80 0.52
C ALA A 31 13.08 19.17 -0.72
N LEU A 32 13.84 19.20 -1.81
CA LEU A 32 13.35 18.78 -3.12
C LEU A 32 13.97 17.45 -3.50
N LYS A 33 13.14 16.47 -3.79
CA LYS A 33 13.58 15.19 -4.33
C LYS A 33 13.07 15.07 -5.76
N LYS A 34 14.00 14.90 -6.70
CA LYS A 34 13.69 14.87 -8.13
C LYS A 34 13.68 13.44 -8.63
N ILE A 35 12.66 13.10 -9.41
CA ILE A 35 12.57 11.81 -10.09
C ILE A 35 12.43 12.07 -11.58
N ARG A 36 13.32 11.49 -12.37
CA ARG A 36 13.33 11.70 -13.81
C ARG A 36 12.53 10.59 -14.49
N LEU A 37 11.53 10.99 -15.29
CA LEU A 37 10.62 10.06 -15.94
C LEU A 37 11.09 9.81 -17.36
N ASP A 38 11.39 8.54 -17.68
CA ASP A 38 11.73 8.18 -19.04
C ASP A 38 10.54 8.30 -19.98
N THR A 39 9.33 8.01 -19.48
CA THR A 39 8.10 8.11 -20.26
C THR A 39 8.21 7.28 -21.54
N GLU A 40 8.65 6.04 -21.39
CA GLU A 40 8.83 5.14 -22.52
C GLU A 40 8.14 3.81 -22.26
N THR A 41 8.06 3.41 -21.01
CA THR A 41 7.47 2.13 -20.65
C THR A 41 6.98 2.20 -19.21
N GLU A 42 5.77 1.69 -18.98
CA GLU A 42 5.12 1.63 -17.67
C GLU A 42 4.86 3.01 -17.09
N GLY A 43 5.06 4.07 -17.87
CA GLY A 43 4.78 5.42 -17.37
C GLY A 43 5.62 5.75 -16.16
N VAL A 44 4.97 6.29 -15.14
CA VAL A 44 5.61 6.55 -13.86
C VAL A 44 5.91 5.19 -13.21
N PRO A 45 7.03 5.04 -12.52
CA PRO A 45 7.37 3.74 -11.95
C PRO A 45 6.48 3.40 -10.76
N SER A 46 6.38 2.09 -10.49
CA SER A 46 5.60 1.63 -9.36
C SER A 46 6.19 2.13 -8.04
N THR A 47 7.51 2.18 -7.94
CA THR A 47 8.17 2.59 -6.71
C THR A 47 7.87 4.04 -6.34
N ALA A 48 7.39 4.83 -7.29
CA ALA A 48 6.98 6.20 -6.99
C ALA A 48 5.50 6.29 -6.66
N ILE A 49 4.66 5.58 -7.43
CA ILE A 49 3.22 5.60 -7.19
C ILE A 49 2.92 5.08 -5.79
N ARG A 50 3.53 3.95 -5.42
CA ARG A 50 3.23 3.34 -4.13
C ARG A 50 3.63 4.27 -2.99
N GLU A 51 4.83 4.84 -3.05
CA GLU A 51 5.29 5.72 -1.99
C GLU A 51 4.42 6.96 -1.90
N ILE A 52 4.08 7.57 -3.03
CA ILE A 52 3.27 8.78 -3.02
C ILE A 52 1.89 8.50 -2.44
N SER A 53 1.28 7.37 -2.83
CA SER A 53 -0.05 7.05 -2.32
C SER A 53 -0.03 6.75 -0.83
N LEU A 54 1.00 6.04 -0.35
CA LEU A 54 1.02 5.60 1.04
C LEU A 54 1.65 6.62 1.99
N LEU A 55 2.24 7.70 1.46
CA LEU A 55 2.84 8.71 2.32
C LEU A 55 1.94 9.92 2.53
N LYS A 56 0.73 9.91 1.97
CA LYS A 56 -0.22 10.98 2.18
C LYS A 56 -1.29 10.64 3.21
N GLU A 57 -1.62 9.36 3.35
CA GLU A 57 -2.56 8.94 4.39
C GLU A 57 -1.92 8.96 5.78
N LEU A 58 -0.59 8.96 5.85
CA LEU A 58 0.13 8.82 7.10
C LEU A 58 0.52 10.21 7.59
N ASN A 59 0.08 10.57 8.80
CA ASN A 59 0.38 11.87 9.39
C ASN A 59 0.61 11.65 10.89
N HIS A 60 1.88 11.49 11.26
CA HIS A 60 2.26 11.31 12.65
C HIS A 60 3.48 12.15 12.94
N PRO A 61 3.68 12.57 14.18
CA PRO A 61 4.91 13.30 14.52
C PRO A 61 6.15 12.41 14.55
N ASN A 62 6.04 11.19 14.02
CA ASN A 62 7.19 10.31 13.86
C ASN A 62 7.31 9.79 12.43
N ILE A 63 6.84 10.56 11.46
CA ILE A 63 6.93 10.20 10.04
C ILE A 63 7.25 11.45 9.25
N VAL A 64 8.07 11.30 8.20
CA VAL A 64 8.34 12.43 7.31
C VAL A 64 7.03 12.85 6.64
N LYS A 65 6.81 14.15 6.57
CA LYS A 65 5.62 14.71 5.94
C LYS A 65 5.91 15.00 4.48
N LEU A 66 5.20 14.33 3.59
CA LEU A 66 5.27 14.60 2.15
C LEU A 66 4.49 15.89 1.89
N LEU A 67 5.18 17.02 2.03
CA LEU A 67 4.49 18.31 1.98
C LEU A 67 3.82 18.53 0.64
N ASP A 68 4.51 18.21 -0.45
CA ASP A 68 3.92 18.47 -1.76
C ASP A 68 4.42 17.50 -2.80
N VAL A 69 3.62 17.33 -3.85
CA VAL A 69 4.00 16.53 -5.02
C VAL A 69 3.63 17.31 -6.27
N ILE A 70 4.58 17.42 -7.20
CA ILE A 70 4.38 18.11 -8.47
C ILE A 70 4.88 17.18 -9.57
N HIS A 71 4.13 17.10 -10.66
CA HIS A 71 4.51 16.20 -11.75
C HIS A 71 4.42 16.97 -13.07
N THR A 72 5.56 17.15 -13.71
CA THR A 72 5.69 17.89 -14.95
C THR A 72 5.69 16.92 -16.13
N GLU A 73 6.09 17.39 -17.31
CA GLU A 73 5.98 16.49 -18.49
C GLU A 73 7.08 15.43 -18.43
N ASN A 74 8.23 15.73 -17.85
CA ASN A 74 9.27 14.70 -17.79
C ASN A 74 9.97 14.65 -16.43
N LYS A 75 9.50 15.38 -15.42
CA LYS A 75 10.11 15.36 -14.10
C LYS A 75 9.01 15.27 -13.05
N LEU A 76 9.36 14.74 -11.88
CA LEU A 76 8.44 14.63 -10.76
C LEU A 76 9.15 15.08 -9.50
N TYR A 77 8.69 16.18 -8.91
CA TYR A 77 9.30 16.74 -7.71
C TYR A 77 8.48 16.39 -6.47
N LEU A 78 9.15 16.03 -5.38
CA LEU A 78 8.41 15.82 -4.12
C LEU A 78 9.05 16.72 -3.08
N VAL A 79 8.28 17.59 -2.44
CA VAL A 79 8.68 18.55 -1.42
C VAL A 79 8.47 17.88 -0.07
N PHE A 80 9.59 17.56 0.59
CA PHE A 80 9.62 16.85 1.87
C PHE A 80 9.98 17.80 3.00
N GLU A 81 9.63 17.41 4.22
CA GLU A 81 10.17 18.07 5.39
C GLU A 81 11.65 17.74 5.52
N PHE A 82 12.39 18.66 6.12
CA PHE A 82 13.85 18.54 6.20
C PHE A 82 14.26 18.08 7.59
N LEU A 83 14.97 16.96 7.66
CA LEU A 83 15.52 16.43 8.89
C LEU A 83 17.04 16.35 8.75
N HIS A 84 17.75 16.73 9.82
CA HIS A 84 19.15 17.07 9.68
C HIS A 84 20.03 15.84 9.41
N GLN A 85 20.08 14.91 10.37
CA GLN A 85 21.07 13.84 10.33
C GLN A 85 20.39 12.49 10.43
N ASP A 86 20.80 11.57 9.55
CA ASP A 86 20.34 10.19 9.65
C ASP A 86 21.04 9.51 10.82
N LEU A 87 20.48 8.38 11.24
CA LEU A 87 21.02 7.68 12.41
C LEU A 87 22.40 7.12 12.15
N LYS A 88 22.68 6.69 10.91
CA LYS A 88 23.95 6.04 10.61
C LYS A 88 25.12 6.96 10.86
N LYS A 89 25.10 8.17 10.27
CA LYS A 89 26.22 9.09 10.44
C LYS A 89 26.33 9.57 11.88
N PHE A 90 25.20 9.81 12.54
CA PHE A 90 25.22 10.24 13.94
C PHE A 90 25.90 9.21 14.81
N MET A 91 25.56 7.93 14.62
CA MET A 91 26.14 6.89 15.45
C MET A 91 27.57 6.57 15.03
N ASP A 92 27.92 6.82 13.78
CA ASP A 92 29.32 6.73 13.38
C ASP A 92 30.16 7.78 14.11
N ALA A 93 29.66 9.02 14.19
CA ALA A 93 30.38 10.06 14.90
C ALA A 93 30.32 9.89 16.41
N SER A 94 29.34 9.16 16.92
CA SER A 94 29.17 8.95 18.35
C SER A 94 29.72 7.62 18.83
N ALA A 95 30.44 6.89 17.97
CA ALA A 95 30.95 5.57 18.35
C ALA A 95 32.02 5.68 19.45
N LEU A 96 32.78 6.78 19.48
CA LEU A 96 33.83 6.92 20.47
C LEU A 96 33.26 6.96 21.88
N THR A 97 32.19 7.73 22.09
CA THR A 97 31.58 7.87 23.40
C THR A 97 30.38 6.96 23.63
N GLY A 98 29.80 6.42 22.56
CA GLY A 98 28.63 5.57 22.69
C GLY A 98 27.36 6.37 22.89
N ILE A 99 26.24 5.85 22.40
CA ILE A 99 24.96 6.53 22.54
C ILE A 99 24.53 6.48 24.00
N PRO A 100 24.27 7.62 24.64
CA PRO A 100 23.84 7.59 26.04
C PRO A 100 22.51 6.86 26.20
N LEU A 101 22.36 6.22 27.36
CA LEU A 101 21.15 5.44 27.63
C LEU A 101 19.88 6.27 27.55
N PRO A 102 19.80 7.48 28.11
CA PRO A 102 18.58 8.29 27.89
C PRO A 102 18.30 8.57 26.42
N LEU A 103 19.34 8.82 25.62
CA LEU A 103 19.12 9.13 24.21
C LEU A 103 18.55 7.93 23.45
N ILE A 104 19.08 6.73 23.69
CA ILE A 104 18.54 5.56 23.00
C ILE A 104 17.16 5.23 23.54
N LYS A 105 16.92 5.46 24.82
CA LYS A 105 15.56 5.30 25.34
C LYS A 105 14.58 6.21 24.60
N SER A 106 14.98 7.47 24.40
CA SER A 106 14.14 8.39 23.64
C SER A 106 13.94 7.90 22.21
N TYR A 107 15.02 7.49 21.55
CA TYR A 107 14.93 7.08 20.15
C TYR A 107 14.22 5.75 19.96
N LEU A 108 13.99 5.00 21.04
CA LEU A 108 13.14 3.83 20.96
C LEU A 108 11.68 4.16 21.25
N PHE A 109 11.42 4.96 22.28
CA PHE A 109 10.05 5.33 22.58
C PHE A 109 9.41 6.15 21.47
N GLN A 110 10.21 6.72 20.58
CA GLN A 110 9.67 7.52 19.49
C GLN A 110 9.43 6.69 18.23
N LEU A 111 10.37 5.81 17.88
CA LEU A 111 10.21 5.00 16.67
C LEU A 111 9.10 3.97 16.84
N LEU A 112 8.99 3.38 18.04
CA LEU A 112 7.93 2.41 18.27
C LEU A 112 6.56 3.03 18.08
N GLN A 113 6.39 4.29 18.48
CA GLN A 113 5.13 4.98 18.26
C GLN A 113 4.81 5.09 16.77
N GLY A 114 5.80 5.50 15.97
CA GLY A 114 5.57 5.62 14.55
C GLY A 114 5.26 4.28 13.89
N LEU A 115 5.96 3.23 14.31
CA LEU A 115 5.72 1.92 13.75
C LEU A 115 4.32 1.40 14.12
N ALA A 116 3.91 1.61 15.37
CA ALA A 116 2.56 1.20 15.76
C ALA A 116 1.50 1.98 14.99
N PHE A 117 1.74 3.28 14.79
CA PHE A 117 0.81 4.09 14.02
C PHE A 117 0.70 3.59 12.59
N CYS A 118 1.84 3.28 11.96
CA CYS A 118 1.81 2.76 10.60
C CYS A 118 1.06 1.43 10.53
N HIS A 119 1.31 0.54 11.49
CA HIS A 119 0.67 -0.76 11.47
C HIS A 119 -0.83 -0.64 11.69
N SER A 120 -1.25 0.28 12.55
CA SER A 120 -2.68 0.54 12.74
C SER A 120 -3.30 1.25 11.55
N HIS A 121 -2.48 1.90 10.70
CA HIS A 121 -2.96 2.54 9.49
C HIS A 121 -2.85 1.64 8.27
N ARG A 122 -2.94 0.32 8.43
CA ARG A 122 -2.99 -0.66 7.29
C ARG A 122 -1.75 -0.61 6.37
N VAL A 123 -0.69 0.11 6.74
CA VAL A 123 0.47 0.24 5.86
C VAL A 123 1.62 -0.50 6.51
N LEU A 124 2.42 -1.17 5.69
CA LEU A 124 3.50 -2.03 6.17
C LEU A 124 4.83 -1.47 5.70
N HIS A 125 5.72 -1.19 6.64
CA HIS A 125 7.09 -0.82 6.32
C HIS A 125 7.94 -2.07 6.18
N ARG A 126 8.99 -1.98 5.38
CA ARG A 126 9.81 -3.16 5.08
C ARG A 126 11.25 -3.01 5.56
N ASP A 127 11.96 -1.97 5.12
CA ASP A 127 13.40 -1.86 5.33
C ASP A 127 13.67 -0.77 6.35
N LEU A 128 13.80 -1.16 7.61
CA LEU A 128 14.10 -0.19 8.67
C LEU A 128 15.61 -0.03 8.85
N LYS A 129 16.30 0.21 7.74
CA LYS A 129 17.73 0.44 7.79
C LYS A 129 18.02 1.71 8.62
N PRO A 130 19.05 1.70 9.46
CA PRO A 130 19.39 2.92 10.21
C PRO A 130 19.72 4.11 9.33
N GLN A 131 19.82 3.93 8.01
CA GLN A 131 19.88 5.06 7.10
C GLN A 131 18.50 5.59 6.72
N ASN A 132 17.45 4.84 7.03
CA ASN A 132 16.07 5.24 6.76
C ASN A 132 15.38 5.84 7.98
N LEU A 133 16.13 6.17 9.02
CA LEU A 133 15.60 6.81 10.21
C LEU A 133 16.22 8.18 10.32
N LEU A 134 15.40 9.22 10.41
CA LEU A 134 15.90 10.59 10.38
C LEU A 134 15.65 11.29 11.71
N ILE A 135 16.69 11.90 12.25
CA ILE A 135 16.61 12.63 13.51
C ILE A 135 16.87 14.10 13.24
N ASN A 136 16.53 14.95 14.21
CA ASN A 136 16.78 16.38 14.11
C ASN A 136 17.27 16.88 15.45
N THR A 137 17.48 18.20 15.54
CA THR A 137 18.05 18.80 16.74
C THR A 137 17.11 18.74 17.94
N GLU A 138 15.80 18.58 17.70
CA GLU A 138 14.83 18.60 18.78
C GLU A 138 14.74 17.27 19.52
N GLY A 139 15.44 16.23 19.06
CA GLY A 139 15.32 14.91 19.63
C GLY A 139 14.28 14.03 18.97
N ALA A 140 13.50 14.57 18.04
CA ALA A 140 12.51 13.76 17.35
C ALA A 140 13.18 12.78 16.39
N ILE A 141 12.45 11.73 16.04
CA ILE A 141 12.90 10.76 15.07
C ILE A 141 11.70 10.35 14.21
N LYS A 142 11.96 10.08 12.94
CA LYS A 142 10.90 9.77 12.00
C LYS A 142 11.34 8.71 11.01
N LEU A 143 10.41 7.83 10.66
CA LEU A 143 10.61 6.92 9.54
C LEU A 143 10.68 7.72 8.24
N ALA A 144 11.59 7.34 7.35
CA ALA A 144 11.86 8.15 6.18
C ALA A 144 11.44 7.48 4.88
N ASP A 145 11.99 6.31 4.56
CA ASP A 145 11.83 5.74 3.22
C ASP A 145 10.63 4.80 3.20
N PHE A 146 9.64 5.15 2.38
CA PHE A 146 8.41 4.37 2.27
C PHE A 146 8.25 3.75 0.89
N GLY A 147 9.32 3.68 0.10
CA GLY A 147 9.22 3.16 -1.25
C GLY A 147 8.80 1.70 -1.29
N LEU A 148 9.36 0.90 -0.40
CA LEU A 148 9.01 -0.52 -0.33
C LEU A 148 7.75 -0.79 0.46
N ALA A 149 7.14 0.24 1.07
CA ALA A 149 5.92 0.04 1.84
C ALA A 149 4.78 -0.42 0.96
N ARG A 150 3.94 -1.30 1.50
CA ARG A 150 2.82 -1.83 0.73
C ARG A 150 1.66 -2.10 1.67
N ALA A 151 0.51 -1.50 1.39
CA ALA A 151 -0.65 -1.65 2.24
C ALA A 151 -1.14 -3.09 2.23
N PHE A 152 -1.60 -3.56 3.38
CA PHE A 152 -1.98 -4.97 3.53
C PHE A 152 -3.45 -5.17 3.87
N GLY A 153 -4.01 -4.40 4.80
CA GLY A 153 -5.35 -4.69 5.29
C GLY A 153 -5.32 -5.83 6.27
N VAL A 154 -4.93 -7.01 5.80
CA VAL A 154 -4.55 -8.12 6.66
C VAL A 154 -3.20 -8.62 6.15
N PRO A 155 -2.35 -9.23 6.99
CA PRO A 155 -1.05 -9.68 6.53
C PRO A 155 -1.10 -10.81 5.51
N VAL A 156 -2.29 -11.24 5.10
CA VAL A 156 -2.44 -12.30 4.11
C VAL A 156 -2.80 -11.73 2.74
N ARG A 157 -2.45 -10.48 2.47
CA ARG A 157 -2.67 -9.86 1.17
C ARG A 157 -1.40 -9.62 0.38
N THR A 158 -0.32 -9.19 1.04
CA THR A 158 0.93 -8.93 0.36
C THR A 158 1.74 -10.21 0.20
N TYR A 159 2.37 -10.41 -0.96
CA TYR A 159 3.07 -11.70 -1.22
C TYR A 159 4.53 -11.61 -0.75
N HIS A 161 8.86 -11.04 -2.23
CA HIS A 161 9.68 -10.67 -3.41
C HIS A 161 11.13 -10.55 -2.93
N GLU A 162 11.37 -10.55 -1.61
CA GLU A 162 12.73 -10.62 -1.07
C GLU A 162 13.58 -9.39 -1.44
N VAL A 163 13.02 -8.20 -1.19
CA VAL A 163 13.69 -6.96 -1.55
C VAL A 163 14.43 -6.31 -0.38
N VAL A 164 13.98 -6.55 0.85
CA VAL A 164 14.54 -5.87 2.03
C VAL A 164 16.01 -6.22 2.20
N THR A 165 16.75 -5.30 2.82
CA THR A 165 18.19 -5.47 2.99
C THR A 165 18.51 -6.68 3.86
N LEU A 166 19.65 -7.33 3.55
CA LEU A 166 19.96 -8.64 4.11
C LEU A 166 20.17 -8.60 5.61
N TRP A 167 20.92 -7.60 6.10
CA TRP A 167 21.29 -7.58 7.51
C TRP A 167 20.09 -7.41 8.42
N TYR A 168 18.94 -7.00 7.89
CA TYR A 168 17.75 -6.75 8.67
C TYR A 168 16.56 -7.52 8.15
N ARG A 169 16.76 -8.78 7.76
CA ARG A 169 15.66 -9.65 7.39
C ARG A 169 15.25 -10.50 8.59
N ALA A 170 13.95 -10.71 8.74
CA ALA A 170 13.47 -11.59 9.79
C ALA A 170 13.83 -13.03 9.48
N PRO A 171 13.98 -13.88 10.49
CA PRO A 171 14.29 -15.29 10.21
C PRO A 171 13.19 -16.00 9.44
N GLU A 172 11.97 -15.47 9.44
CA GLU A 172 10.91 -16.05 8.62
C GLU A 172 11.07 -15.69 7.15
N ILE A 173 11.55 -14.48 6.86
CA ILE A 173 11.67 -14.05 5.47
C ILE A 173 12.80 -14.80 4.77
N LEU A 174 13.93 -15.00 5.45
CA LEU A 174 15.07 -15.67 4.83
C LEU A 174 14.71 -17.08 4.39
N LEU A 175 13.96 -17.80 5.23
CA LEU A 175 13.55 -19.15 4.91
C LEU A 175 12.50 -19.20 3.81
N GLY A 176 11.88 -18.08 3.47
CA GLY A 176 10.89 -18.07 2.41
C GLY A 176 9.48 -18.29 2.92
N CYS A 177 8.62 -17.29 2.74
CA CYS A 177 7.22 -17.35 3.12
C CYS A 177 6.36 -17.07 1.90
N LYS A 178 5.04 -17.05 2.12
CA LYS A 178 4.10 -16.64 1.10
C LYS A 178 3.45 -15.30 1.38
N TYR A 179 3.30 -14.93 2.65
CA TYR A 179 2.73 -13.65 3.04
C TYR A 179 3.56 -13.05 4.17
N TYR A 180 3.58 -11.73 4.22
CA TYR A 180 4.31 -11.01 5.25
C TYR A 180 3.49 -10.99 6.54
N SER A 181 3.92 -10.17 7.49
CA SER A 181 3.17 -9.92 8.72
C SER A 181 3.64 -8.59 9.28
N THR A 182 3.23 -8.27 10.50
CA THR A 182 3.70 -7.07 11.17
C THR A 182 4.92 -7.33 12.05
N ALA A 183 5.43 -8.55 12.05
CA ALA A 183 6.60 -8.89 12.87
C ALA A 183 7.92 -8.59 12.18
N VAL A 184 7.92 -8.35 10.87
CA VAL A 184 9.17 -8.01 10.18
C VAL A 184 9.71 -6.68 10.70
N ASP A 185 8.82 -5.69 10.83
CA ASP A 185 9.24 -4.39 11.34
C ASP A 185 9.69 -4.48 12.78
N ILE A 186 9.02 -5.28 13.60
CA ILE A 186 9.43 -5.45 14.98
C ILE A 186 10.79 -6.10 15.06
N TRP A 187 11.06 -7.09 14.21
CA TRP A 187 12.37 -7.71 14.19
C TRP A 187 13.45 -6.71 13.84
N SER A 188 13.22 -5.91 12.79
CA SER A 188 14.21 -4.93 12.39
C SER A 188 14.43 -3.90 13.49
N LEU A 189 13.36 -3.48 14.15
CA LEU A 189 13.46 -2.52 15.24
C LEU A 189 14.25 -3.10 16.40
N GLY A 190 14.04 -4.38 16.71
CA GLY A 190 14.83 -5.03 17.74
C GLY A 190 16.30 -5.09 17.38
N CYS A 191 16.60 -5.36 16.11
CA CYS A 191 17.99 -5.37 15.67
C CYS A 191 18.63 -4.00 15.85
N ILE A 192 17.92 -2.93 15.45
CA ILE A 192 18.49 -1.59 15.63
C ILE A 192 18.68 -1.27 17.11
N PHE A 193 17.70 -1.58 17.94
CA PHE A 193 17.84 -1.33 19.37
C PHE A 193 19.06 -2.06 19.93
N ALA A 194 19.16 -3.36 19.65
CA ALA A 194 20.29 -4.12 20.19
C ALA A 194 21.62 -3.67 19.62
N GLU A 195 21.57 -3.01 18.46
CA GLU A 195 22.79 -2.64 17.70
C GLU A 195 23.33 -1.27 18.08
N MET A 196 22.48 -0.38 18.57
CA MET A 196 22.96 0.97 19.01
C MET A 196 23.49 0.90 20.44
N VAL A 197 23.14 -0.12 21.20
CA VAL A 197 23.73 -0.20 22.54
C VAL A 197 25.21 -0.52 22.44
N THR A 198 25.58 -1.43 21.55
CA THR A 198 26.96 -1.88 21.40
C THR A 198 27.70 -1.20 20.26
N ARG A 199 26.99 -0.52 19.36
CA ARG A 199 27.58 0.10 18.17
C ARG A 199 28.30 -0.98 17.35
N ARG A 200 27.56 -2.03 17.02
CA ARG A 200 28.06 -3.12 16.19
C ARG A 200 26.86 -3.84 15.59
N ALA A 201 26.82 -3.96 14.27
CA ALA A 201 25.74 -4.71 13.63
C ALA A 201 25.77 -6.15 14.12
N LEU A 202 24.66 -6.59 14.70
CA LEU A 202 24.63 -7.90 15.33
C LEU A 202 24.87 -9.02 14.32
N PHE A 203 24.22 -8.96 13.18
CA PHE A 203 24.18 -10.09 12.24
C PHE A 203 24.60 -9.61 10.85
N PRO A 204 25.89 -9.38 10.64
CA PRO A 204 26.37 -8.94 9.31
C PRO A 204 26.76 -10.12 8.42
N GLY A 205 25.76 -10.87 7.98
CA GLY A 205 26.03 -12.00 7.11
C GLY A 205 26.36 -11.59 5.70
N ASP A 206 27.22 -12.37 5.04
CA ASP A 206 27.58 -12.08 3.66
C ASP A 206 26.49 -12.49 2.69
N SER A 207 25.79 -13.58 2.96
CA SER A 207 24.68 -14.03 2.14
C SER A 207 23.59 -14.56 3.05
N GLU A 208 22.50 -15.06 2.44
CA GLU A 208 21.37 -15.53 3.22
C GLU A 208 21.75 -16.71 4.11
N ILE A 209 22.55 -17.64 3.58
CA ILE A 209 22.93 -18.82 4.35
C ILE A 209 23.78 -18.43 5.54
N ASP A 210 24.81 -17.61 5.34
CA ASP A 210 25.62 -17.19 6.47
C ASP A 210 24.85 -16.25 7.39
N GLN A 211 23.91 -15.48 6.87
CA GLN A 211 23.06 -14.70 7.74
C GLN A 211 22.26 -15.60 8.67
N LEU A 212 21.70 -16.68 8.13
CA LEU A 212 21.01 -17.65 8.98
C LEU A 212 21.97 -18.24 10.01
N PHE A 213 23.18 -18.57 9.60
CA PHE A 213 24.13 -19.17 10.54
C PHE A 213 24.62 -18.17 11.57
N ARG A 214 24.51 -16.88 11.28
CA ARG A 214 24.82 -15.87 12.28
C ARG A 214 23.67 -15.64 13.24
N ILE A 215 22.44 -15.84 12.78
CA ILE A 215 21.28 -15.71 13.67
C ILE A 215 21.23 -16.85 14.68
N PHE A 216 21.48 -18.08 14.23
CA PHE A 216 21.40 -19.25 15.10
C PHE A 216 22.43 -19.22 16.21
N ARG A 217 23.56 -18.54 16.01
CA ARG A 217 24.65 -18.58 16.98
C ARG A 217 24.24 -17.95 18.30
N THR A 218 23.34 -16.97 18.27
CA THR A 218 22.97 -16.22 19.46
C THR A 218 21.68 -16.70 20.10
N LEU A 219 20.65 -16.95 19.31
CA LEU A 219 19.34 -17.31 19.84
C LEU A 219 19.09 -18.81 19.94
N GLY A 220 20.08 -19.63 19.63
CA GLY A 220 19.92 -21.07 19.70
C GLY A 220 19.15 -21.63 18.52
N THR A 221 19.41 -22.89 18.24
CA THR A 221 18.82 -23.53 17.07
C THR A 221 17.30 -23.54 17.22
N PRO A 222 16.55 -23.17 16.18
CA PRO A 222 15.10 -23.08 16.34
C PRO A 222 14.43 -24.43 16.45
N ASP A 223 14.45 -25.02 17.64
CA ASP A 223 13.78 -26.29 17.86
C ASP A 223 12.27 -26.12 17.78
N GLU A 224 11.58 -27.23 17.51
CA GLU A 224 10.13 -27.19 17.41
C GLU A 224 9.49 -26.76 18.73
N VAL A 225 10.21 -26.88 19.85
CA VAL A 225 9.68 -26.45 21.13
C VAL A 225 9.45 -24.94 21.14
N VAL A 226 10.40 -24.17 20.58
CA VAL A 226 10.27 -22.72 20.57
C VAL A 226 9.53 -22.21 19.35
N TRP A 227 9.56 -22.95 18.24
CA TRP A 227 8.94 -22.53 16.99
C TRP A 227 8.05 -23.64 16.47
N PRO A 228 6.74 -23.58 16.72
CA PRO A 228 5.86 -24.68 16.27
C PRO A 228 5.84 -24.89 14.76
N GLY A 229 6.00 -23.84 13.97
CA GLY A 229 5.86 -23.97 12.53
C GLY A 229 7.14 -23.85 11.73
N VAL A 230 8.22 -24.46 12.23
CA VAL A 230 9.50 -24.40 11.55
C VAL A 230 9.83 -25.71 10.83
N THR A 231 9.34 -26.85 11.33
CA THR A 231 9.74 -28.13 10.76
C THR A 231 9.25 -28.28 9.32
N SER A 232 8.03 -27.86 9.04
CA SER A 232 7.47 -27.97 7.70
C SER A 232 7.75 -26.74 6.84
N MET A 233 8.48 -25.77 7.35
CA MET A 233 8.75 -24.56 6.59
C MET A 233 9.63 -24.86 5.38
N PRO A 234 9.31 -24.30 4.21
CA PRO A 234 10.18 -24.49 3.06
C PRO A 234 11.54 -23.87 3.30
N ASP A 235 12.55 -24.43 2.63
CA ASP A 235 13.94 -23.99 2.76
C ASP A 235 14.44 -24.12 4.20
N TYR A 236 13.85 -25.04 4.96
CA TYR A 236 14.37 -25.45 6.25
C TYR A 236 14.79 -26.91 6.17
N LYS A 237 15.90 -27.23 6.82
CA LYS A 237 16.42 -28.59 6.82
C LYS A 237 16.75 -29.02 8.23
N PRO A 238 16.69 -30.32 8.53
CA PRO A 238 17.10 -30.79 9.86
C PRO A 238 18.60 -30.94 10.00
N SER A 239 19.36 -30.75 8.93
CA SER A 239 20.81 -30.82 8.96
C SER A 239 21.40 -29.45 9.30
N PHE A 240 20.97 -28.92 10.44
CA PHE A 240 21.35 -27.61 10.94
C PHE A 240 22.21 -27.77 12.19
N PRO A 241 23.21 -26.90 12.37
CA PRO A 241 24.11 -27.05 13.53
C PRO A 241 23.35 -26.95 14.84
N LYS A 242 23.80 -27.72 15.82
CA LYS A 242 23.18 -27.74 17.15
C LYS A 242 23.82 -26.68 18.05
N TRP A 243 23.72 -25.44 17.60
CA TRP A 243 24.27 -24.31 18.34
C TRP A 243 23.41 -23.98 19.55
N ALA A 244 24.07 -23.62 20.65
CA ALA A 244 23.36 -23.32 21.88
C ALA A 244 22.77 -21.91 21.84
N ARG A 245 21.87 -21.64 22.77
CA ARG A 245 21.28 -20.32 22.93
C ARG A 245 22.20 -19.47 23.79
N GLN A 246 22.83 -18.47 23.18
CA GLN A 246 23.79 -17.65 23.90
C GLN A 246 23.11 -16.90 25.04
N ASP A 247 23.81 -16.79 26.17
CA ASP A 247 23.28 -16.02 27.29
C ASP A 247 23.23 -14.54 26.91
N PHE A 248 22.08 -13.91 27.17
CA PHE A 248 21.91 -12.52 26.77
C PHE A 248 22.73 -11.56 27.60
N SER A 249 23.28 -12.00 28.73
CA SER A 249 24.14 -11.12 29.52
C SER A 249 25.41 -10.74 28.77
N LYS A 250 25.78 -11.50 27.74
CA LYS A 250 26.96 -11.21 26.95
C LYS A 250 26.66 -10.63 25.58
N VAL A 251 25.46 -10.86 25.05
CA VAL A 251 25.14 -10.34 23.72
C VAL A 251 25.07 -8.82 23.75
N VAL A 252 24.55 -8.25 24.84
CA VAL A 252 24.50 -6.81 25.03
C VAL A 252 24.83 -6.54 26.50
N PRO A 253 26.09 -6.28 26.85
CA PRO A 253 26.46 -6.10 28.25
C PRO A 253 25.80 -4.88 28.88
N PRO A 254 25.89 -3.67 28.26
CA PRO A 254 25.41 -2.48 28.99
C PRO A 254 23.91 -2.26 28.87
N LEU A 255 23.13 -3.22 29.38
CA LEU A 255 21.69 -3.05 29.50
C LEU A 255 21.28 -3.22 30.96
N ASP A 256 20.25 -2.47 31.35
CA ASP A 256 19.78 -2.49 32.72
C ASP A 256 18.93 -3.74 32.96
N GLU A 257 18.47 -3.88 34.21
CA GLU A 257 17.66 -5.04 34.56
C GLU A 257 16.34 -5.04 33.80
N ASP A 258 15.72 -3.87 33.65
CA ASP A 258 14.45 -3.79 32.94
C ASP A 258 14.60 -4.16 31.46
N GLY A 259 15.68 -3.71 30.84
CA GLY A 259 15.90 -3.94 29.42
C GLY A 259 16.25 -5.35 29.03
N ARG A 260 16.49 -6.23 30.00
CA ARG A 260 16.80 -7.62 29.68
C ARG A 260 15.63 -8.28 28.95
N SER A 261 14.42 -8.08 29.47
CA SER A 261 13.27 -8.79 28.92
C SER A 261 12.87 -8.24 27.56
N LEU A 262 12.82 -6.92 27.42
CA LEU A 262 12.24 -6.33 26.22
C LEU A 262 13.01 -6.74 24.96
N LEU A 263 14.35 -6.72 25.03
CA LEU A 263 15.13 -7.13 23.87
C LEU A 263 14.88 -8.59 23.52
N SER A 264 14.63 -9.43 24.53
CA SER A 264 14.36 -10.84 24.28
C SER A 264 12.96 -11.08 23.73
N GLN A 265 11.94 -10.36 24.22
CA GLN A 265 10.60 -10.54 23.67
C GLN A 265 10.51 -10.03 22.24
N MET A 266 11.11 -8.88 21.94
CA MET A 266 11.01 -8.30 20.62
C MET A 266 11.91 -9.00 19.61
N LEU A 267 12.87 -9.79 20.08
CA LEU A 267 13.70 -10.63 19.22
C LEU A 267 13.22 -12.07 19.16
N HIS A 268 12.00 -12.34 19.63
CA HIS A 268 11.48 -13.69 19.71
C HIS A 268 11.44 -14.33 18.32
N TYR A 269 11.22 -15.64 18.30
CA TYR A 269 11.20 -16.41 17.05
C TYR A 269 9.81 -16.46 16.43
N ASP A 270 8.81 -16.78 17.23
CA ASP A 270 7.46 -16.98 16.70
C ASP A 270 6.93 -15.68 16.11
N PRO A 271 6.57 -15.64 14.83
CA PRO A 271 6.02 -14.40 14.26
C PRO A 271 4.71 -13.99 14.89
N ASN A 272 4.01 -14.89 15.56
CA ASN A 272 2.81 -14.52 16.28
C ASN A 272 3.06 -14.23 17.76
N LYS A 273 4.31 -14.29 18.21
CA LYS A 273 4.65 -13.99 19.60
C LYS A 273 5.39 -12.67 19.75
N ARG A 274 6.19 -12.28 18.76
CA ARG A 274 6.95 -11.05 18.83
C ARG A 274 6.06 -9.90 19.30
N ILE A 275 6.53 -9.17 20.32
CA ILE A 275 5.68 -8.21 21.00
C ILE A 275 5.27 -7.10 20.04
N SER A 276 3.98 -6.81 20.00
CA SER A 276 3.47 -5.80 19.09
C SER A 276 3.88 -4.40 19.54
N ALA A 277 4.02 -3.51 18.57
CA ALA A 277 4.51 -2.17 18.86
C ALA A 277 3.58 -1.43 19.83
N LYS A 278 2.27 -1.56 19.63
CA LYS A 278 1.33 -0.93 20.56
C LYS A 278 1.42 -1.55 21.94
N ALA A 279 1.92 -2.78 22.05
CA ALA A 279 2.11 -3.42 23.34
C ALA A 279 3.51 -3.18 23.91
N ALA A 280 4.46 -2.76 23.07
CA ALA A 280 5.81 -2.51 23.54
C ALA A 280 5.93 -1.22 24.33
N LEU A 281 4.98 -0.31 24.18
CA LEU A 281 5.03 0.96 24.89
C LEU A 281 4.62 0.83 26.36
N ALA A 282 3.88 -0.22 26.71
CA ALA A 282 3.49 -0.45 28.09
C ALA A 282 4.39 -1.44 28.81
N HIS A 283 5.42 -1.94 28.13
CA HIS A 283 6.35 -2.87 28.76
C HIS A 283 7.17 -2.12 29.80
N PRO A 284 7.48 -2.75 30.95
CA PRO A 284 8.09 -2.00 32.07
C PRO A 284 9.39 -1.29 31.75
N PHE A 285 9.99 -1.54 30.58
CA PHE A 285 11.19 -0.80 30.20
C PHE A 285 10.89 0.68 30.04
N PHE A 286 9.77 1.01 29.40
CA PHE A 286 9.40 2.39 29.14
C PHE A 286 8.62 2.91 30.34
N GLN A 287 9.33 3.47 31.30
CA GLN A 287 8.74 4.05 32.50
C GLN A 287 9.06 5.52 32.68
N ASP A 288 10.29 5.95 32.39
CA ASP A 288 10.69 7.35 32.52
C ASP A 288 11.55 7.70 31.31
N VAL A 289 10.90 8.22 30.27
CA VAL A 289 11.55 8.56 29.02
C VAL A 289 11.40 10.06 28.77
N THR A 290 12.51 10.73 28.51
CA THR A 290 12.53 12.14 28.15
C THR A 290 13.50 12.33 27.01
N LYS A 291 13.31 13.39 26.23
CA LYS A 291 14.04 13.58 25.00
C LYS A 291 15.14 14.61 25.17
N PRO A 292 16.43 14.21 25.17
CA PRO A 292 17.51 15.20 25.13
C PRO A 292 17.83 15.63 23.71
N VAL A 293 18.85 16.45 23.54
CA VAL A 293 19.25 16.94 22.23
C VAL A 293 20.57 16.29 21.83
N PRO A 294 20.72 15.85 20.59
CA PRO A 294 21.96 15.18 20.16
C PRO A 294 23.07 16.21 19.91
N HIS A 295 24.21 15.70 19.43
CA HIS A 295 25.40 16.52 19.22
C HIS A 295 25.23 17.36 17.96
N LEU A 296 24.40 18.40 18.08
CA LEU A 296 24.12 19.35 17.00
C LEU A 296 23.58 18.66 15.76
N ARG A 297 22.87 17.55 15.95
CA ARG A 297 22.26 16.79 14.87
C ARG A 297 23.26 16.43 13.78
N VAL B 175 -4.32 -8.93 11.38
CA VAL B 175 -3.61 -8.79 12.64
C VAL B 175 -4.58 -8.50 13.78
N PRO B 176 -4.87 -9.51 14.65
CA PRO B 176 -5.84 -9.34 15.72
C PRO B 176 -5.46 -8.27 16.75
N ASP B 177 -4.24 -7.74 16.70
CA ASP B 177 -3.91 -6.62 17.58
C ASP B 177 -4.40 -5.30 16.99
N TYR B 178 -4.19 -5.09 15.69
CA TYR B 178 -4.52 -3.84 15.04
C TYR B 178 -5.79 -3.92 14.20
N HIS B 179 -6.54 -5.02 14.28
CA HIS B 179 -7.68 -5.20 13.39
C HIS B 179 -8.77 -4.17 13.65
N GLU B 180 -9.05 -3.87 14.91
CA GLU B 180 -10.09 -2.91 15.22
C GLU B 180 -9.76 -1.54 14.65
N ASP B 181 -8.53 -1.09 14.85
CA ASP B 181 -8.12 0.21 14.33
C ASP B 181 -8.13 0.22 12.80
N ILE B 182 -7.74 -0.89 12.18
CA ILE B 182 -7.75 -0.93 10.72
C ILE B 182 -9.18 -0.83 10.19
N HIS B 183 -10.11 -1.54 10.83
CA HIS B 183 -11.50 -1.44 10.40
C HIS B 183 -12.06 -0.04 10.60
N THR B 184 -11.75 0.60 11.74
CA THR B 184 -12.25 1.95 11.97
C THR B 184 -11.68 2.93 10.96
N TYR B 185 -10.38 2.82 10.66
CA TYR B 185 -9.78 3.68 9.65
C TYR B 185 -10.40 3.43 8.27
N LEU B 186 -10.67 2.17 7.94
CA LEU B 186 -11.28 1.87 6.65
C LEU B 186 -12.67 2.47 6.57
N ARG B 187 -13.44 2.38 7.66
CA ARG B 187 -14.78 2.97 7.68
C ARG B 187 -14.70 4.48 7.49
N GLU B 188 -13.75 5.13 8.18
CA GLU B 188 -13.62 6.58 8.04
C GLU B 188 -13.20 6.98 6.63
N MET B 189 -12.28 6.22 6.02
CA MET B 189 -11.79 6.56 4.70
C MET B 189 -12.77 6.20 3.59
N GLU B 190 -13.73 5.31 3.85
CA GLU B 190 -14.66 4.90 2.80
C GLU B 190 -15.51 6.05 2.27
N VAL B 191 -15.62 7.15 3.01
CA VAL B 191 -16.47 8.25 2.57
C VAL B 191 -15.71 9.28 1.75
N LYS B 192 -14.40 9.44 1.98
CA LYS B 192 -13.62 10.38 1.19
C LYS B 192 -13.43 9.89 -0.24
N CYS B 193 -13.07 8.61 -0.39
CA CYS B 193 -12.84 8.02 -1.71
C CYS B 193 -14.15 7.44 -2.26
N LYS B 194 -15.12 8.33 -2.47
CA LYS B 194 -16.44 7.94 -2.93
C LYS B 194 -16.87 8.81 -4.09
N PRO B 195 -17.40 8.23 -5.16
CA PRO B 195 -17.97 9.04 -6.24
C PRO B 195 -19.29 9.67 -5.81
N LYS B 196 -19.60 10.81 -6.44
CA LYS B 196 -20.88 11.46 -6.19
C LYS B 196 -22.01 10.67 -6.86
N VAL B 197 -23.11 10.49 -6.13
CA VAL B 197 -24.23 9.71 -6.66
C VAL B 197 -24.93 10.49 -7.77
N GLY B 198 -25.26 9.81 -8.85
CA GLY B 198 -25.88 10.45 -10.00
C GLY B 198 -24.97 11.44 -10.69
N TYR B 199 -23.67 11.13 -10.75
CA TYR B 199 -22.69 12.01 -11.36
C TYR B 199 -22.71 11.95 -12.88
N MET B 200 -23.11 10.81 -13.42
CA MET B 200 -22.93 10.57 -14.88
C MET B 200 -24.11 11.03 -15.76
N LYS B 201 -25.34 10.90 -15.31
CA LYS B 201 -26.41 11.39 -16.19
C LYS B 201 -26.08 12.76 -16.76
N LYS B 202 -25.24 13.53 -16.07
CA LYS B 202 -24.78 14.81 -16.58
C LYS B 202 -23.85 14.65 -17.78
N GLN B 203 -23.22 13.50 -17.95
CA GLN B 203 -22.31 13.29 -19.07
C GLN B 203 -23.12 13.24 -20.36
N PRO B 204 -22.81 14.08 -21.35
CA PRO B 204 -23.67 14.20 -22.55
C PRO B 204 -23.33 13.25 -23.68
N ASP B 205 -22.52 12.22 -23.46
CA ASP B 205 -22.16 11.30 -24.53
C ASP B 205 -22.22 9.82 -24.14
N ILE B 206 -22.26 9.48 -22.86
CA ILE B 206 -22.16 8.10 -22.42
C ILE B 206 -23.38 7.74 -21.57
N THR B 207 -23.68 6.44 -21.53
CA THR B 207 -24.81 5.90 -20.78
C THR B 207 -24.35 4.68 -19.98
N ASN B 208 -25.23 4.20 -19.10
CA ASN B 208 -24.89 3.05 -18.27
C ASN B 208 -24.58 1.82 -19.12
N SER B 209 -25.23 1.70 -20.28
CA SER B 209 -24.92 0.61 -21.19
C SER B 209 -23.51 0.69 -21.72
N MET B 210 -22.83 1.83 -21.54
CA MET B 210 -21.42 1.93 -21.91
C MET B 210 -20.51 1.63 -20.74
N ARG B 211 -20.86 2.07 -19.53
CA ARG B 211 -20.04 1.73 -18.37
C ARG B 211 -20.05 0.23 -18.11
N ALA B 212 -21.21 -0.41 -18.27
CA ALA B 212 -21.27 -1.86 -18.11
C ALA B 212 -20.37 -2.56 -19.13
N ILE B 213 -20.39 -2.08 -20.38
CA ILE B 213 -19.55 -2.67 -21.43
C ILE B 213 -18.07 -2.49 -21.09
N LEU B 214 -17.69 -1.30 -20.63
CA LEU B 214 -16.31 -1.05 -20.27
C LEU B 214 -15.85 -1.97 -19.14
N VAL B 215 -16.66 -2.11 -18.10
CA VAL B 215 -16.27 -2.96 -16.98
C VAL B 215 -16.22 -4.42 -17.40
N ASP B 216 -17.14 -4.84 -18.28
CA ASP B 216 -17.08 -6.19 -18.84
C ASP B 216 -15.76 -6.42 -19.55
N TRP B 217 -15.36 -5.48 -20.40
CA TRP B 217 -14.09 -5.60 -21.10
C TRP B 217 -12.92 -5.62 -20.12
N LEU B 218 -13.05 -4.86 -19.03
CA LEU B 218 -12.02 -4.86 -18.00
C LEU B 218 -11.85 -6.25 -17.39
N VAL B 219 -12.98 -6.90 -17.07
CA VAL B 219 -12.91 -8.24 -16.49
C VAL B 219 -12.31 -9.22 -17.49
N GLU B 220 -12.70 -9.11 -18.76
CA GLU B 220 -12.15 -10.02 -19.77
C GLU B 220 -10.65 -9.83 -19.91
N VAL B 221 -10.17 -8.59 -19.82
CA VAL B 221 -8.73 -8.35 -19.87
C VAL B 221 -8.05 -8.93 -18.63
N GLY B 222 -8.64 -8.70 -17.45
CA GLY B 222 -8.03 -9.17 -16.22
C GLY B 222 -7.91 -10.68 -16.16
N GLU B 223 -8.89 -11.38 -16.74
CA GLU B 223 -8.82 -12.84 -16.78
C GLU B 223 -7.78 -13.36 -17.76
N GLU B 224 -7.41 -12.55 -18.76
CA GLU B 224 -6.43 -12.95 -19.81
C GLU B 224 -5.05 -12.35 -19.56
N TYR B 225 -4.81 -11.81 -18.37
CA TYR B 225 -3.48 -11.38 -17.96
C TYR B 225 -3.10 -11.91 -16.59
N LYS B 226 -3.91 -12.79 -16.00
CA LYS B 226 -3.65 -13.35 -14.67
C LYS B 226 -3.45 -12.26 -13.62
N LEU B 227 -4.24 -11.19 -13.72
CA LEU B 227 -4.17 -10.10 -12.77
C LEU B 227 -4.91 -10.46 -11.49
N GLN B 228 -4.44 -9.89 -10.38
CA GLN B 228 -5.08 -10.12 -9.10
C GLN B 228 -6.46 -9.50 -9.08
N ASN B 229 -7.37 -10.10 -8.31
CA ASN B 229 -8.75 -9.61 -8.23
C ASN B 229 -8.86 -8.27 -7.53
N GLU B 230 -7.82 -7.84 -6.81
CA GLU B 230 -7.87 -6.55 -6.16
C GLU B 230 -7.73 -5.40 -7.15
N THR B 231 -7.05 -5.63 -8.28
CA THR B 231 -6.88 -4.56 -9.25
C THR B 231 -8.20 -4.12 -9.85
N LEU B 232 -9.04 -5.07 -10.27
CA LEU B 232 -10.31 -4.73 -10.89
C LEU B 232 -11.13 -3.82 -9.98
N HIS B 233 -11.34 -4.25 -8.73
CA HIS B 233 -12.11 -3.43 -7.79
C HIS B 233 -11.50 -2.05 -7.63
N LEU B 234 -10.18 -1.94 -7.73
CA LEU B 234 -9.55 -0.63 -7.65
C LEU B 234 -9.77 0.17 -8.93
N ALA B 235 -9.61 -0.49 -10.08
CA ALA B 235 -9.63 0.24 -11.34
C ALA B 235 -10.95 0.94 -11.56
N VAL B 236 -12.05 0.19 -11.43
CA VAL B 236 -13.37 0.76 -11.64
C VAL B 236 -13.67 1.84 -10.62
N ASN B 237 -12.93 1.89 -9.51
CA ASN B 237 -13.08 2.98 -8.57
C ASN B 237 -12.53 4.29 -9.15
N TYR B 238 -11.34 4.22 -9.76
CA TYR B 238 -10.69 5.43 -10.23
C TYR B 238 -11.52 6.13 -11.29
N ILE B 239 -12.07 5.36 -12.23
CA ILE B 239 -12.97 5.92 -13.23
C ILE B 239 -14.14 6.63 -12.54
N ASP B 240 -14.71 6.01 -11.50
CA ASP B 240 -15.82 6.63 -10.80
C ASP B 240 -15.40 7.93 -10.13
N ARG B 241 -14.14 8.06 -9.74
CA ARG B 241 -13.65 9.31 -9.18
C ARG B 241 -13.08 10.23 -10.24
N PHE B 242 -13.00 9.79 -11.50
CA PHE B 242 -12.52 10.61 -12.59
C PHE B 242 -13.65 11.19 -13.43
N LEU B 243 -14.59 10.34 -13.84
CA LEU B 243 -15.70 10.82 -14.67
C LEU B 243 -16.55 11.84 -13.94
N SER B 244 -16.57 11.79 -12.62
CA SER B 244 -17.35 12.73 -11.82
C SER B 244 -16.58 13.99 -11.48
N SER B 245 -15.38 14.16 -12.02
CA SER B 245 -14.57 15.34 -11.74
C SER B 245 -14.13 16.07 -13.00
N MET B 246 -13.79 15.34 -14.06
CA MET B 246 -13.44 15.93 -15.34
C MET B 246 -14.22 15.24 -16.45
N SER B 247 -14.70 16.03 -17.41
CA SER B 247 -15.53 15.49 -18.47
C SER B 247 -14.70 14.64 -19.43
N VAL B 248 -15.39 13.77 -20.15
CA VAL B 248 -14.75 12.92 -21.16
C VAL B 248 -15.72 12.71 -22.30
N LEU B 249 -15.18 12.59 -23.51
CA LEU B 249 -16.01 12.33 -24.68
C LEU B 249 -16.26 10.82 -24.82
N ARG B 250 -17.13 10.48 -25.76
CA ARG B 250 -17.46 9.07 -25.98
C ARG B 250 -16.25 8.31 -26.52
N GLY B 251 -15.50 8.93 -27.43
CA GLY B 251 -14.45 8.21 -28.13
C GLY B 251 -13.33 7.74 -27.21
N LYS B 252 -12.87 8.61 -26.31
CA LYS B 252 -11.72 8.30 -25.49
C LYS B 252 -12.09 7.71 -24.14
N LEU B 253 -13.23 7.02 -24.04
CA LEU B 253 -13.56 6.35 -22.79
C LEU B 253 -12.69 5.12 -22.59
N GLN B 254 -12.44 4.36 -23.66
CA GLN B 254 -11.56 3.22 -23.59
C GLN B 254 -10.17 3.64 -23.13
N LEU B 255 -9.74 4.85 -23.47
CA LEU B 255 -8.49 5.37 -22.94
C LEU B 255 -8.55 5.48 -21.42
N VAL B 256 -9.66 5.99 -20.90
CA VAL B 256 -9.79 6.12 -19.45
C VAL B 256 -9.75 4.74 -18.80
N GLY B 257 -10.44 3.76 -19.39
CA GLY B 257 -10.42 2.42 -18.83
C GLY B 257 -9.02 1.80 -18.85
N THR B 258 -8.32 1.96 -19.97
CA THR B 258 -6.98 1.39 -20.08
C THR B 258 -6.02 2.05 -19.10
N ALA B 259 -6.08 3.37 -18.97
CA ALA B 259 -5.22 4.05 -18.01
C ALA B 259 -5.59 3.69 -16.59
N ALA B 260 -6.87 3.44 -16.33
CA ALA B 260 -7.29 3.01 -15.00
C ALA B 260 -6.70 1.64 -14.67
N MET B 261 -6.74 0.71 -15.62
CA MET B 261 -6.08 -0.58 -15.39
C MET B 261 -4.58 -0.42 -15.18
N LEU B 262 -3.95 0.45 -15.97
CA LEU B 262 -2.51 0.66 -15.83
C LEU B 262 -2.15 1.20 -14.45
N LEU B 263 -2.94 2.14 -13.94
CA LEU B 263 -2.68 2.73 -12.64
C LEU B 263 -3.05 1.80 -11.51
N ALA B 264 -4.03 0.91 -11.72
CA ALA B 264 -4.40 -0.03 -10.68
C ALA B 264 -3.41 -1.18 -10.58
N SER B 265 -2.87 -1.63 -11.73
CA SER B 265 -1.96 -2.76 -11.72
C SER B 265 -0.58 -2.40 -11.20
N LYS B 266 -0.19 -1.13 -11.28
CA LYS B 266 1.06 -0.66 -10.73
C LYS B 266 0.95 -0.32 -9.24
N PHE B 267 -0.09 -0.81 -8.57
CA PHE B 267 -0.28 -0.54 -7.16
C PHE B 267 -0.57 -1.83 -6.40
N GLU B 268 -1.19 -2.80 -7.07
CA GLU B 268 -1.62 -4.04 -6.43
C GLU B 268 -0.94 -5.29 -6.98
N GLU B 269 -0.35 -5.23 -8.16
CA GLU B 269 0.29 -6.40 -8.75
C GLU B 269 1.79 -6.39 -8.50
N ILE B 270 2.35 -7.59 -8.35
CA ILE B 270 3.78 -7.72 -8.12
C ILE B 270 4.56 -7.35 -9.37
N TYR B 271 4.12 -7.84 -10.53
CA TYR B 271 4.75 -7.53 -11.81
C TYR B 271 3.77 -6.82 -12.72
N PRO B 272 3.78 -5.50 -12.77
CA PRO B 272 2.84 -4.77 -13.62
C PRO B 272 3.11 -5.03 -15.09
N PRO B 273 2.08 -5.31 -15.87
CA PRO B 273 2.28 -5.50 -17.31
C PRO B 273 2.74 -4.22 -17.99
N GLU B 274 3.47 -4.38 -19.08
CA GLU B 274 4.04 -3.24 -19.79
C GLU B 274 2.97 -2.50 -20.58
N VAL B 275 3.29 -1.26 -20.96
CA VAL B 275 2.35 -0.40 -21.68
C VAL B 275 2.04 -0.99 -23.05
N ALA B 276 3.06 -1.52 -23.73
CA ALA B 276 2.86 -2.05 -25.08
C ALA B 276 1.83 -3.16 -25.08
N GLU B 277 1.80 -3.97 -24.01
CA GLU B 277 0.79 -5.02 -23.92
C GLU B 277 -0.62 -4.43 -23.83
N PHE B 278 -0.80 -3.37 -23.05
CA PHE B 278 -2.11 -2.75 -22.96
C PHE B 278 -2.53 -2.11 -24.28
N VAL B 279 -1.58 -1.49 -24.98
CA VAL B 279 -1.88 -0.95 -26.30
C VAL B 279 -2.27 -2.07 -27.26
N TYR B 280 -1.57 -3.21 -27.17
CA TYR B 280 -1.93 -4.38 -27.97
C TYR B 280 -3.31 -4.91 -27.63
N ILE B 281 -3.73 -4.75 -26.38
CA ILE B 281 -5.03 -5.27 -25.95
C ILE B 281 -6.16 -4.53 -26.67
N THR B 282 -6.06 -3.21 -26.78
CA THR B 282 -7.11 -2.41 -27.40
C THR B 282 -7.04 -2.41 -28.93
N ASP B 283 -6.33 -3.38 -29.51
CA ASP B 283 -6.28 -3.58 -30.96
C ASP B 283 -5.65 -2.39 -31.68
N ASP B 284 -4.62 -1.82 -31.06
CA ASP B 284 -3.80 -0.77 -31.68
C ASP B 284 -4.65 0.40 -32.16
N THR B 285 -5.62 0.79 -31.34
CA THR B 285 -6.36 2.03 -31.59
C THR B 285 -5.73 3.22 -30.88
N TYR B 286 -5.10 2.99 -29.72
CA TYR B 286 -4.41 4.02 -28.98
C TYR B 286 -2.92 3.72 -29.01
N THR B 287 -2.13 4.67 -29.46
CA THR B 287 -0.68 4.47 -29.53
C THR B 287 -0.07 4.48 -28.13
N LYS B 288 1.18 4.04 -28.04
CA LYS B 288 1.84 3.95 -26.75
C LYS B 288 1.95 5.32 -26.09
N LYS B 289 2.18 6.36 -26.88
CA LYS B 289 2.19 7.71 -26.33
C LYS B 289 0.79 8.19 -25.97
N GLN B 290 -0.26 7.48 -26.39
CA GLN B 290 -1.62 7.90 -26.11
C GLN B 290 -2.16 7.31 -24.82
N VAL B 291 -1.77 6.09 -24.46
CA VAL B 291 -2.16 5.54 -23.16
C VAL B 291 -1.55 6.39 -22.04
N LEU B 292 -0.28 6.73 -22.19
CA LEU B 292 0.27 7.80 -21.37
C LEU B 292 -0.30 9.13 -21.82
N ARG B 293 -0.06 10.16 -21.00
CA ARG B 293 -0.67 11.49 -21.15
C ARG B 293 -2.14 11.43 -20.76
N MET B 294 -2.65 10.23 -20.48
CA MET B 294 -3.95 10.04 -19.85
C MET B 294 -3.82 9.59 -18.41
N GLU B 295 -2.95 8.61 -18.15
CA GLU B 295 -2.51 8.34 -16.78
C GLU B 295 -1.80 9.56 -16.19
N HIS B 296 -1.15 10.35 -17.03
CA HIS B 296 -0.69 11.68 -16.64
C HIS B 296 -1.86 12.50 -16.11
N LEU B 297 -3.01 12.43 -16.79
CA LEU B 297 -4.16 13.22 -16.39
C LEU B 297 -4.84 12.65 -15.14
N VAL B 298 -4.95 11.32 -15.07
CA VAL B 298 -5.74 10.71 -14.00
C VAL B 298 -5.09 10.93 -12.65
N LEU B 299 -3.75 10.88 -12.60
CA LEU B 299 -3.07 10.93 -11.31
C LEU B 299 -3.18 12.30 -10.64
N LYS B 300 -3.59 13.35 -11.35
CA LYS B 300 -3.72 14.66 -10.74
C LYS B 300 -5.16 15.03 -10.39
N VAL B 301 -6.14 14.49 -11.12
CA VAL B 301 -7.54 14.77 -10.78
C VAL B 301 -7.93 14.08 -9.48
N LEU B 302 -7.36 12.91 -9.21
CA LEU B 302 -7.58 12.22 -7.94
C LEU B 302 -6.63 12.69 -6.85
N THR B 303 -5.68 13.58 -7.16
CA THR B 303 -4.74 14.12 -6.14
C THR B 303 -3.83 13.00 -5.63
N PHE B 304 -3.56 12.03 -6.47
CA PHE B 304 -2.63 10.95 -6.13
C PHE B 304 -3.13 10.11 -4.94
N ASP B 305 -4.44 10.07 -4.73
CA ASP B 305 -5.01 9.28 -3.63
C ASP B 305 -5.53 7.97 -4.22
N LEU B 306 -4.61 7.07 -4.53
CA LEU B 306 -4.96 5.83 -5.20
C LEU B 306 -5.47 4.76 -4.24
N ALA B 307 -5.04 4.80 -2.97
CA ALA B 307 -5.44 3.78 -2.00
C ALA B 307 -6.88 4.05 -1.58
N ALA B 308 -7.81 3.36 -2.22
CA ALA B 308 -9.23 3.55 -1.95
C ALA B 308 -9.81 2.25 -1.39
N PRO B 309 -10.43 2.26 -0.20
CA PRO B 309 -11.08 1.07 0.30
C PRO B 309 -12.21 0.64 -0.63
N THR B 310 -12.34 -0.67 -0.81
CA THR B 310 -13.29 -1.21 -1.77
C THR B 310 -13.94 -2.47 -1.19
N VAL B 311 -14.84 -3.12 -1.99
CA VAL B 311 -15.68 -4.31 -1.55
C VAL B 311 -14.89 -5.59 -1.45
N ASN B 312 -13.63 -5.64 -1.86
CA ASN B 312 -12.75 -6.76 -1.56
C ASN B 312 -12.08 -6.60 -0.20
N GLN B 313 -11.62 -5.39 0.12
CA GLN B 313 -10.91 -5.16 1.37
C GLN B 313 -11.82 -5.28 2.59
N PHE B 314 -13.14 -5.27 2.41
CA PHE B 314 -14.07 -5.40 3.52
C PHE B 314 -14.55 -6.82 3.73
N LEU B 315 -14.78 -7.57 2.64
CA LEU B 315 -15.12 -8.98 2.79
C LEU B 315 -13.99 -9.76 3.44
N THR B 316 -12.74 -9.35 3.20
CA THR B 316 -11.60 -10.04 3.79
C THR B 316 -11.67 -10.00 5.31
N GLN B 317 -12.02 -8.85 5.88
CA GLN B 317 -12.15 -8.75 7.33
C GLN B 317 -13.34 -9.56 7.83
N TYR B 318 -14.43 -9.59 7.06
CA TYR B 318 -15.62 -10.30 7.51
C TYR B 318 -15.49 -11.81 7.35
N PHE B 319 -14.51 -12.29 6.60
CA PHE B 319 -14.43 -13.72 6.32
C PHE B 319 -14.00 -14.53 7.54
N LEU B 320 -13.15 -13.96 8.38
CA LEU B 320 -12.55 -14.73 9.47
C LEU B 320 -13.51 -14.94 10.64
N HIS B 321 -14.79 -14.63 10.49
CA HIS B 321 -15.78 -14.89 11.52
C HIS B 321 -16.90 -15.83 11.09
N GLN B 322 -16.86 -16.36 9.86
CA GLN B 322 -17.87 -17.32 9.41
C GLN B 322 -17.36 -18.76 9.56
N GLN B 323 -17.14 -19.13 10.83
CA GLN B 323 -16.61 -20.44 11.23
C GLN B 323 -15.15 -20.54 10.82
N PRO B 324 -14.29 -21.18 11.62
CA PRO B 324 -12.87 -21.27 11.24
C PRO B 324 -12.64 -21.92 9.89
N ALA B 325 -13.47 -22.89 9.50
CA ALA B 325 -13.31 -23.60 8.23
C ALA B 325 -14.66 -23.66 7.53
N ASN B 326 -14.81 -22.89 6.45
CA ASN B 326 -16.03 -22.95 5.64
C ASN B 326 -15.66 -22.61 4.20
N CYS B 327 -15.67 -23.63 3.34
CA CYS B 327 -15.39 -23.44 1.93
C CYS B 327 -16.67 -22.99 1.20
N LYS B 328 -16.48 -22.58 -0.05
CA LYS B 328 -17.55 -22.16 -0.95
C LYS B 328 -18.35 -20.97 -0.42
N VAL B 329 -17.88 -20.34 0.65
CA VAL B 329 -18.45 -19.09 1.13
C VAL B 329 -17.59 -17.91 0.75
N GLU B 330 -16.27 -18.07 0.84
CA GLU B 330 -15.33 -17.03 0.44
C GLU B 330 -15.16 -16.93 -1.07
N SER B 331 -16.01 -17.60 -1.84
CA SER B 331 -15.93 -17.55 -3.30
C SER B 331 -17.22 -17.09 -3.94
N LEU B 332 -18.38 -17.47 -3.38
CA LEU B 332 -19.64 -16.90 -3.84
C LEU B 332 -19.78 -15.45 -3.39
N ALA B 333 -19.27 -15.14 -2.19
CA ALA B 333 -19.28 -13.76 -1.72
C ALA B 333 -18.47 -12.87 -2.65
N MET B 334 -17.32 -13.34 -3.11
CA MET B 334 -16.53 -12.59 -4.08
C MET B 334 -17.32 -12.38 -5.36
N PHE B 335 -18.05 -13.41 -5.79
CA PHE B 335 -18.86 -13.30 -6.99
C PHE B 335 -19.92 -12.21 -6.84
N LEU B 336 -20.58 -12.17 -5.69
CA LEU B 336 -21.60 -11.16 -5.46
C LEU B 336 -21.00 -9.78 -5.30
N GLY B 337 -19.77 -9.70 -4.81
CA GLY B 337 -19.07 -8.42 -4.78
C GLY B 337 -18.71 -7.92 -6.17
N GLU B 338 -18.29 -8.83 -7.06
CA GLU B 338 -17.91 -8.41 -8.40
C GLU B 338 -19.13 -8.06 -9.25
N LEU B 339 -20.26 -8.73 -9.03
CA LEU B 339 -21.47 -8.37 -9.75
C LEU B 339 -21.90 -6.94 -9.46
N SER B 340 -21.41 -6.35 -8.36
CA SER B 340 -21.75 -4.99 -8.01
C SER B 340 -21.25 -3.98 -9.05
N LEU B 341 -20.02 -4.17 -9.53
CA LEU B 341 -19.40 -3.15 -10.39
C LEU B 341 -20.07 -3.02 -11.74
N ILE B 342 -20.75 -4.06 -12.21
CA ILE B 342 -21.31 -4.05 -13.57
C ILE B 342 -22.39 -2.97 -13.70
N ASP B 343 -23.27 -2.88 -12.71
CA ASP B 343 -24.39 -1.94 -12.76
C ASP B 343 -24.12 -0.79 -11.80
N ALA B 344 -24.11 0.44 -12.33
CA ALA B 344 -24.01 1.61 -11.46
C ALA B 344 -25.31 1.84 -10.72
N ASP B 345 -26.44 1.74 -11.41
CA ASP B 345 -27.74 1.87 -10.78
C ASP B 345 -28.18 0.52 -10.22
N PRO B 346 -28.46 0.42 -8.93
CA PRO B 346 -28.40 1.46 -7.91
C PRO B 346 -27.29 1.24 -6.90
N TYR B 347 -26.18 0.61 -7.30
CA TYR B 347 -25.11 0.26 -6.36
C TYR B 347 -24.13 1.41 -6.12
N LEU B 348 -24.35 2.56 -6.73
CA LEU B 348 -23.46 3.70 -6.55
C LEU B 348 -23.82 4.53 -5.33
N LYS B 349 -24.85 4.14 -4.58
CA LYS B 349 -25.23 4.83 -3.36
C LYS B 349 -24.63 4.19 -2.11
N TYR B 350 -24.71 2.86 -2.00
CA TYR B 350 -24.24 2.19 -0.81
C TYR B 350 -22.73 2.29 -0.68
N LEU B 351 -22.27 2.49 0.55
CA LEU B 351 -20.85 2.46 0.84
C LEU B 351 -20.31 1.05 0.61
N PRO B 352 -19.00 0.92 0.37
CA PRO B 352 -18.45 -0.43 0.18
C PRO B 352 -18.68 -1.35 1.37
N SER B 353 -18.80 -0.78 2.57
CA SER B 353 -18.96 -1.56 3.82
C SER B 353 -20.35 -2.13 3.96
N VAL B 354 -21.36 -1.55 3.33
CA VAL B 354 -22.71 -2.10 3.31
C VAL B 354 -22.88 -3.10 2.17
N ILE B 355 -22.29 -2.81 1.00
CA ILE B 355 -22.36 -3.75 -0.10
C ILE B 355 -21.66 -5.05 0.26
N ALA B 356 -20.49 -4.94 0.90
CA ALA B 356 -19.77 -6.14 1.34
C ALA B 356 -20.58 -6.93 2.35
N GLY B 357 -21.21 -6.25 3.29
CA GLY B 357 -22.06 -6.91 4.29
C GLY B 357 -23.24 -7.61 3.66
N ALA B 358 -23.88 -7.02 2.67
CA ALA B 358 -24.98 -7.69 1.98
C ALA B 358 -24.49 -8.89 1.18
N ALA B 359 -23.32 -8.75 0.54
CA ALA B 359 -22.76 -9.87 -0.21
C ALA B 359 -22.40 -11.02 0.72
N PHE B 360 -21.84 -10.73 1.88
CA PHE B 360 -21.45 -11.78 2.82
C PHE B 360 -22.67 -12.50 3.39
N HIS B 361 -23.74 -11.77 3.66
CA HIS B 361 -24.95 -12.39 4.25
C HIS B 361 -25.89 -12.94 3.18
N LEU B 362 -25.54 -12.90 1.90
CA LEU B 362 -26.34 -13.60 0.89
C LEU B 362 -25.77 -14.96 0.57
N ALA B 363 -24.46 -15.04 0.31
CA ALA B 363 -23.83 -16.33 0.04
C ALA B 363 -23.93 -17.26 1.24
N LEU B 364 -23.77 -16.69 2.45
CA LEU B 364 -23.89 -17.50 3.66
C LEU B 364 -25.26 -18.13 3.77
N TYR B 365 -26.32 -17.36 3.52
CA TYR B 365 -27.66 -17.94 3.52
C TYR B 365 -27.84 -18.92 2.37
N THR B 366 -27.12 -18.71 1.27
CA THR B 366 -27.27 -19.59 0.12
C THR B 366 -26.72 -20.99 0.42
N VAL B 367 -25.52 -21.07 0.99
CA VAL B 367 -24.87 -22.37 1.09
C VAL B 367 -25.01 -22.97 2.49
N THR B 368 -24.93 -22.15 3.53
CA THR B 368 -24.91 -22.65 4.90
C THR B 368 -26.28 -22.60 5.56
N GLY B 369 -26.89 -21.41 5.64
CA GLY B 369 -28.20 -21.22 6.23
C GLY B 369 -28.25 -20.14 7.29
N GLN B 370 -27.15 -19.94 8.02
CA GLN B 370 -27.14 -18.95 9.08
C GLN B 370 -27.18 -17.54 8.52
N SER B 371 -27.81 -16.64 9.27
CA SER B 371 -27.98 -15.26 8.85
C SER B 371 -26.78 -14.43 9.29
N TRP B 372 -26.92 -13.10 9.23
CA TRP B 372 -25.87 -12.16 9.56
C TRP B 372 -25.24 -12.52 10.90
N PRO B 373 -23.95 -12.83 10.95
CA PRO B 373 -23.36 -13.36 12.17
C PRO B 373 -23.44 -12.37 13.32
N GLU B 374 -23.57 -12.91 14.53
CA GLU B 374 -23.58 -12.07 15.72
C GLU B 374 -22.20 -11.50 16.02
N SER B 375 -21.15 -12.15 15.53
CA SER B 375 -19.81 -11.60 15.74
C SER B 375 -19.62 -10.31 14.98
N LEU B 376 -20.17 -10.21 13.77
CA LEU B 376 -20.04 -9.02 12.94
C LEU B 376 -21.25 -8.10 13.02
N ILE B 377 -22.10 -8.23 14.04
CA ILE B 377 -23.22 -7.28 14.21
C ILE B 377 -22.94 -6.46 15.46
N ARG B 378 -21.84 -6.75 16.14
CA ARG B 378 -21.40 -5.93 17.32
C ARG B 378 -20.01 -5.37 17.06
N LYS B 379 -19.37 -5.74 15.94
CA LYS B 379 -18.10 -5.17 15.53
C LYS B 379 -18.29 -4.08 14.48
N THR B 380 -19.03 -4.36 13.42
CA THR B 380 -19.23 -3.37 12.38
C THR B 380 -20.35 -2.39 12.72
N GLY B 381 -21.17 -2.68 13.72
CA GLY B 381 -22.25 -1.81 14.10
C GLY B 381 -23.53 -1.98 13.30
N TYR B 382 -23.44 -2.45 12.06
CA TYR B 382 -24.62 -2.67 11.25
C TYR B 382 -25.45 -3.81 11.82
N THR B 383 -26.77 -3.70 11.71
CA THR B 383 -27.66 -4.80 12.05
C THR B 383 -28.24 -5.38 10.77
N LEU B 384 -29.07 -6.41 10.90
CA LEU B 384 -29.60 -7.07 9.67
C LEU B 384 -30.76 -6.23 9.15
N GLU B 385 -31.30 -5.31 9.96
CA GLU B 385 -32.31 -4.40 9.44
C GLU B 385 -31.72 -3.35 8.50
N SER B 386 -30.53 -2.84 8.82
CA SER B 386 -29.94 -1.73 8.04
C SER B 386 -29.15 -2.20 6.82
N LEU B 387 -29.29 -3.46 6.44
CA LEU B 387 -28.84 -3.96 5.15
C LEU B 387 -29.98 -4.45 4.27
N LYS B 388 -31.23 -4.28 4.71
CA LYS B 388 -32.35 -4.72 3.88
C LYS B 388 -32.37 -4.08 2.51
N PRO B 389 -32.16 -2.76 2.34
CA PRO B 389 -32.05 -2.22 0.98
C PRO B 389 -30.94 -2.86 0.18
N CYS B 390 -29.78 -3.08 0.80
CA CYS B 390 -28.65 -3.67 0.07
C CYS B 390 -28.96 -5.11 -0.32
N LEU B 391 -29.59 -5.88 0.58
CA LEU B 391 -29.96 -7.26 0.26
C LEU B 391 -30.96 -7.31 -0.87
N MET B 392 -31.96 -6.42 -0.86
CA MET B 392 -32.98 -6.52 -1.91
C MET B 392 -32.39 -6.00 -3.22
N ASP B 393 -31.39 -5.13 -3.16
CA ASP B 393 -30.75 -4.73 -4.41
C ASP B 393 -29.86 -5.84 -4.95
N LEU B 394 -29.16 -6.56 -4.08
CA LEU B 394 -28.24 -7.59 -4.54
C LEU B 394 -28.96 -8.84 -5.01
N HIS B 395 -30.11 -9.16 -4.43
CA HIS B 395 -30.77 -10.43 -4.85
C HIS B 395 -31.16 -10.27 -6.33
N GLN B 396 -31.77 -9.14 -6.71
CA GLN B 396 -32.23 -9.02 -8.09
C GLN B 396 -31.09 -9.27 -9.07
N THR B 397 -29.91 -8.71 -8.78
CA THR B 397 -28.76 -8.96 -9.64
C THR B 397 -28.34 -10.41 -9.59
N TYR B 398 -28.39 -11.04 -8.41
CA TYR B 398 -28.07 -12.46 -8.31
C TYR B 398 -29.01 -13.29 -9.18
N LEU B 399 -30.30 -12.99 -9.13
CA LEU B 399 -31.27 -13.76 -9.88
C LEU B 399 -31.27 -13.42 -11.36
N LYS B 400 -30.64 -12.33 -11.78
CA LYS B 400 -30.74 -12.04 -13.23
C LYS B 400 -29.39 -12.27 -13.91
N ALA B 401 -28.32 -12.42 -13.13
CA ALA B 401 -26.99 -12.53 -13.72
C ALA B 401 -26.94 -13.45 -14.94
N PRO B 402 -27.57 -14.63 -14.98
CA PRO B 402 -27.46 -15.45 -16.18
C PRO B 402 -28.06 -14.79 -17.42
N GLN B 403 -28.96 -13.82 -17.23
CA GLN B 403 -29.61 -13.18 -18.37
C GLN B 403 -29.07 -11.79 -18.64
N HIS B 404 -27.97 -11.41 -17.98
CA HIS B 404 -27.38 -10.10 -18.20
C HIS B 404 -26.75 -10.01 -19.59
N ALA B 405 -26.65 -8.79 -20.09
CA ALA B 405 -26.08 -8.57 -21.41
C ALA B 405 -24.56 -8.62 -21.43
N GLN B 406 -23.92 -8.63 -20.26
CA GLN B 406 -22.46 -8.68 -20.14
C GLN B 406 -22.12 -9.89 -19.28
N GLN B 407 -21.88 -11.03 -19.92
CA GLN B 407 -21.61 -12.29 -19.23
C GLN B 407 -20.13 -12.61 -19.33
N SER B 408 -19.35 -12.07 -18.42
CA SER B 408 -17.95 -12.48 -18.31
C SER B 408 -17.57 -12.88 -16.90
N ILE B 409 -18.11 -12.23 -15.88
CA ILE B 409 -17.79 -12.60 -14.50
C ILE B 409 -18.35 -13.98 -14.19
N ARG B 410 -19.55 -14.28 -14.68
CA ARG B 410 -20.13 -15.60 -14.46
C ARG B 410 -19.25 -16.68 -15.05
N GLU B 411 -18.75 -16.46 -16.27
CA GLU B 411 -17.82 -17.41 -16.86
C GLU B 411 -16.52 -17.45 -16.09
N LYS B 412 -16.07 -16.31 -15.58
CA LYS B 412 -14.81 -16.28 -14.84
C LYS B 412 -14.89 -17.12 -13.57
N TYR B 413 -16.02 -17.07 -12.89
CA TYR B 413 -16.20 -17.86 -11.66
C TYR B 413 -16.78 -19.23 -11.93
N LYS B 414 -17.08 -19.57 -13.18
CA LYS B 414 -17.47 -20.93 -13.52
C LYS B 414 -16.32 -21.92 -13.29
N ASN B 415 -15.09 -21.46 -13.34
CA ASN B 415 -13.93 -22.33 -13.21
C ASN B 415 -13.83 -22.89 -11.79
N SER B 416 -13.07 -23.97 -11.66
CA SER B 416 -12.93 -24.66 -10.38
C SER B 416 -12.00 -23.96 -9.41
N LYS B 417 -11.31 -22.90 -9.83
CA LYS B 417 -10.43 -22.19 -8.91
C LYS B 417 -11.22 -21.60 -7.75
N TYR B 418 -12.41 -21.09 -8.03
CA TYR B 418 -13.28 -20.49 -7.01
C TYR B 418 -14.40 -21.44 -6.58
N HIS B 419 -14.14 -22.74 -6.50
CA HIS B 419 -15.16 -23.73 -6.03
C HIS B 419 -16.40 -23.76 -6.94
N GLY B 420 -16.31 -23.22 -8.14
CA GLY B 420 -17.40 -23.36 -9.09
C GLY B 420 -18.75 -22.95 -8.56
N VAL B 421 -18.81 -21.85 -7.79
CA VAL B 421 -20.08 -21.39 -7.22
C VAL B 421 -20.97 -20.72 -8.24
N SER B 422 -20.42 -20.35 -9.41
CA SER B 422 -21.21 -19.64 -10.40
C SER B 422 -22.36 -20.49 -10.93
N LEU B 423 -22.30 -21.80 -10.75
CA LEU B 423 -23.37 -22.69 -11.20
C LEU B 423 -24.34 -23.05 -10.08
N LEU B 424 -24.14 -22.53 -8.87
CA LEU B 424 -25.06 -22.81 -7.79
C LEU B 424 -26.42 -22.17 -8.04
N ASN B 425 -27.47 -22.86 -7.62
CA ASN B 425 -28.81 -22.32 -7.79
C ASN B 425 -29.01 -21.14 -6.85
N PRO B 426 -29.47 -19.99 -7.37
CA PRO B 426 -29.77 -18.87 -6.48
C PRO B 426 -30.94 -19.18 -5.58
N PRO B 427 -30.93 -18.71 -4.34
CA PRO B 427 -32.11 -18.88 -3.48
C PRO B 427 -33.28 -18.08 -4.02
N GLU B 428 -34.49 -18.59 -3.78
CA GLU B 428 -35.68 -17.96 -4.34
C GLU B 428 -36.15 -16.78 -3.49
N THR B 429 -36.49 -17.03 -2.23
CA THR B 429 -37.06 -16.02 -1.36
C THR B 429 -36.22 -15.86 -0.10
N LEU B 430 -36.48 -14.78 0.62
CA LEU B 430 -35.79 -14.48 1.86
C LEU B 430 -36.79 -14.26 2.99
N ASN B 431 -36.29 -14.28 4.21
CA ASN B 431 -37.07 -14.01 5.41
C ASN B 431 -36.40 -12.93 6.24
N LEU B 432 -35.83 -11.93 5.58
CA LEU B 432 -35.15 -10.84 6.25
C LEU B 432 -36.06 -9.63 6.39
N GLU C 22 0.36 -14.83 -33.70
CA GLU C 22 -1.09 -15.00 -33.61
C GLU C 22 -1.85 -13.76 -34.04
N HIS C 23 -2.96 -13.98 -34.75
CA HIS C 23 -3.97 -12.96 -34.99
C HIS C 23 -4.43 -12.63 -33.57
N PRO C 24 -4.61 -11.34 -33.22
CA PRO C 24 -4.57 -10.95 -31.81
C PRO C 24 -5.60 -11.67 -30.93
N LYS C 25 -5.32 -11.70 -29.62
CA LYS C 25 -6.05 -12.45 -28.60
C LYS C 25 -7.55 -12.38 -28.83
N PRO C 26 -8.25 -13.50 -28.73
CA PRO C 26 -9.65 -13.53 -29.18
C PRO C 26 -10.59 -12.69 -28.30
N SER C 27 -10.50 -12.87 -27.00
CA SER C 27 -11.52 -12.17 -26.18
C SER C 27 -11.11 -10.75 -25.85
N ALA C 28 -9.89 -10.54 -25.36
CA ALA C 28 -9.56 -9.20 -24.89
C ALA C 28 -9.47 -8.19 -26.03
N CYS C 29 -8.85 -8.56 -27.14
CA CYS C 29 -8.61 -7.62 -28.25
C CYS C 29 -9.92 -7.35 -28.98
N ARG C 30 -10.55 -6.22 -28.66
CA ARG C 30 -11.83 -5.86 -29.27
C ARG C 30 -12.05 -4.37 -29.11
N ASN C 31 -12.08 -3.64 -30.22
CA ASN C 31 -12.34 -2.21 -30.17
C ASN C 31 -13.77 -1.97 -29.70
N LEU C 32 -13.95 -0.94 -28.86
CA LEU C 32 -15.19 -0.75 -28.14
C LEU C 32 -16.11 0.29 -28.79
N PHE C 33 -15.62 1.51 -28.97
CA PHE C 33 -16.46 2.63 -29.40
C PHE C 33 -16.02 3.19 -30.75
N GLY C 34 -15.69 2.32 -31.69
CA GLY C 34 -15.40 2.73 -33.04
C GLY C 34 -14.15 3.59 -33.15
N PRO C 35 -14.11 4.43 -34.18
CA PRO C 35 -12.93 5.29 -34.39
C PRO C 35 -12.98 6.54 -33.53
N VAL C 36 -11.81 7.16 -33.37
CA VAL C 36 -11.65 8.38 -32.60
C VAL C 36 -10.84 9.38 -33.41
N ASP C 37 -10.76 10.60 -32.90
CA ASP C 37 -9.98 11.67 -33.53
C ASP C 37 -8.63 11.77 -32.81
N HIS C 38 -7.56 11.37 -33.49
CA HIS C 38 -6.24 11.35 -32.85
C HIS C 38 -5.72 12.75 -32.60
N GLU C 39 -5.89 13.66 -33.57
CA GLU C 39 -5.34 15.01 -33.43
C GLU C 39 -6.01 15.76 -32.30
N GLU C 40 -7.35 15.75 -32.27
CA GLU C 40 -8.09 16.45 -31.21
C GLU C 40 -7.75 15.85 -29.86
N LEU C 41 -7.66 14.53 -29.79
CA LEU C 41 -7.27 13.86 -28.54
C LEU C 41 -5.91 14.33 -28.08
N THR C 42 -4.95 14.42 -29.01
CA THR C 42 -3.59 14.83 -28.66
C THR C 42 -3.57 16.26 -28.12
N ARG C 43 -4.25 17.19 -28.81
CA ARG C 43 -4.21 18.56 -28.33
C ARG C 43 -4.96 18.71 -27.01
N ASP C 44 -6.05 17.96 -26.82
CA ASP C 44 -6.78 18.01 -25.56
C ASP C 44 -5.91 17.51 -24.41
N LEU C 45 -5.16 16.43 -24.63
CA LEU C 45 -4.26 15.97 -23.58
C LEU C 45 -3.14 16.97 -23.33
N GLU C 46 -2.58 17.55 -24.40
CA GLU C 46 -1.44 18.44 -24.26
C GLU C 46 -1.82 19.70 -23.48
N LYS C 47 -2.94 20.30 -23.87
CA LYS C 47 -3.40 21.50 -23.17
C LYS C 47 -3.29 21.21 -21.68
N HIS C 48 -4.10 20.26 -21.21
CA HIS C 48 -4.16 19.98 -19.78
C HIS C 48 -2.81 19.61 -19.20
N CYS C 49 -1.94 18.97 -20.00
CA CYS C 49 -0.62 18.60 -19.51
C CYS C 49 0.20 19.83 -19.15
N ARG C 50 0.18 20.85 -20.01
CA ARG C 50 0.91 22.07 -19.71
C ARG C 50 0.09 23.07 -18.91
N ASP C 51 -1.19 22.81 -18.69
CA ASP C 51 -2.00 23.72 -17.88
C ASP C 51 -1.64 23.60 -16.40
N MET C 52 -1.01 22.50 -16.01
CA MET C 52 -0.69 22.26 -14.60
C MET C 52 0.41 23.21 -14.18
N GLU C 53 0.01 24.38 -13.69
CA GLU C 53 0.93 25.42 -13.24
C GLU C 53 0.16 26.33 -12.29
N GLU C 54 0.94 27.11 -11.55
CA GLU C 54 0.34 28.11 -10.64
C GLU C 54 -0.31 27.44 -9.43
N ALA C 55 -0.43 28.18 -8.33
CA ALA C 55 -0.99 27.69 -7.07
C ALA C 55 -0.08 26.64 -6.45
N SER C 56 0.91 26.20 -7.20
CA SER C 56 2.07 25.46 -6.74
C SER C 56 3.37 26.09 -7.23
N GLN C 57 3.41 26.53 -8.48
CA GLN C 57 4.57 27.27 -8.97
C GLN C 57 4.72 28.60 -8.26
N ARG C 58 3.61 29.18 -7.81
CA ARG C 58 3.63 30.40 -7.01
C ARG C 58 3.63 30.12 -5.51
N LYS C 59 3.01 29.02 -5.08
CA LYS C 59 3.06 28.66 -3.67
C LYS C 59 4.48 28.33 -3.23
N TRP C 60 5.19 27.53 -4.03
CA TRP C 60 6.59 27.21 -3.75
C TRP C 60 7.54 28.16 -4.46
N ASN C 61 7.02 29.20 -5.12
CA ASN C 61 7.75 30.24 -5.86
C ASN C 61 9.02 29.68 -6.50
N PHE C 62 8.87 28.54 -7.18
CA PHE C 62 9.96 27.81 -7.80
C PHE C 62 9.57 27.49 -9.23
N ASP C 63 10.49 27.75 -10.16
CA ASP C 63 10.23 27.47 -11.58
C ASP C 63 10.46 25.99 -11.81
N PHE C 64 9.42 25.19 -11.52
CA PHE C 64 9.54 23.74 -11.61
C PHE C 64 9.74 23.23 -13.03
N GLN C 65 9.49 24.06 -14.05
CA GLN C 65 9.59 23.59 -15.43
C GLN C 65 11.02 23.20 -15.77
N ASN C 66 12.00 23.98 -15.31
CA ASN C 66 13.38 23.74 -15.69
C ASN C 66 14.33 23.81 -14.50
N HIS C 67 13.83 23.49 -13.30
CA HIS C 67 14.65 23.44 -12.10
C HIS C 67 15.35 24.76 -11.83
N LYS C 68 14.57 25.84 -11.76
CA LYS C 68 15.09 27.18 -11.59
C LYS C 68 14.58 27.77 -10.29
N PRO C 69 15.45 28.20 -9.38
CA PRO C 69 14.98 28.77 -8.11
C PRO C 69 14.45 30.18 -8.27
N LEU C 70 13.17 30.27 -8.63
CA LEU C 70 12.55 31.60 -8.87
C LEU C 70 12.61 32.40 -7.59
N GLU C 71 12.71 33.71 -7.70
CA GLU C 71 12.85 34.56 -6.53
C GLU C 71 11.54 34.69 -5.76
N GLY C 72 11.65 34.76 -4.44
CA GLY C 72 10.49 34.90 -3.61
C GLY C 72 10.86 34.78 -2.14
N LYS C 73 9.81 34.57 -1.32
CA LYS C 73 10.02 34.44 0.12
C LYS C 73 10.87 33.22 0.44
N TYR C 74 10.65 32.11 -0.27
CA TYR C 74 11.44 30.91 -0.04
C TYR C 74 12.88 31.11 -0.47
N GLU C 75 13.80 30.55 0.31
CA GLU C 75 15.23 30.69 0.07
C GLU C 75 15.76 29.35 -0.46
N TRP C 76 15.67 29.17 -1.76
CA TRP C 76 16.21 27.96 -2.38
C TRP C 76 17.73 28.04 -2.39
N GLN C 77 18.37 26.95 -1.98
CA GLN C 77 19.82 26.92 -1.88
C GLN C 77 20.36 25.65 -2.52
N GLU C 78 21.62 25.72 -2.94
CA GLU C 78 22.34 24.57 -3.47
C GLU C 78 23.00 23.83 -2.31
N VAL C 79 22.88 22.51 -2.32
CA VAL C 79 23.36 21.68 -1.22
C VAL C 79 24.27 20.60 -1.79
N GLU C 80 25.47 20.50 -1.24
CA GLU C 80 26.38 19.42 -1.61
C GLU C 80 25.86 18.10 -1.07
N LYS C 81 26.28 17.00 -1.71
CA LYS C 81 25.77 15.69 -1.32
C LYS C 81 26.15 15.34 0.11
N GLY C 82 27.27 15.88 0.61
CA GLY C 82 27.63 15.69 2.00
C GLY C 82 26.85 16.62 2.90
N SER C 83 26.97 16.37 4.20
CA SER C 83 26.28 17.15 5.24
C SER C 83 24.77 17.16 4.98
N LEU C 84 24.26 16.04 4.49
CA LEU C 84 22.86 15.91 4.11
C LEU C 84 22.51 14.43 4.10
N PRO C 85 21.32 14.04 4.54
CA PRO C 85 20.94 12.62 4.46
C PRO C 85 20.96 12.14 3.03
N GLU C 86 21.33 10.87 2.86
CA GLU C 86 21.35 10.29 1.52
C GLU C 86 19.95 10.02 0.97
N PHE C 87 18.92 10.19 1.79
CA PHE C 87 17.55 10.00 1.32
C PHE C 87 17.15 10.99 0.25
N TYR C 88 17.81 12.15 0.18
CA TYR C 88 17.39 13.21 -0.72
C TYR C 88 18.01 13.10 -2.11
N TYR C 89 18.98 12.20 -2.31
CA TYR C 89 19.56 11.98 -3.64
C TYR C 89 19.78 10.49 -3.86
N ARG C 90 18.78 9.69 -3.52
CA ARG C 90 18.85 8.25 -3.73
C ARG C 90 18.33 7.92 -5.12
N PRO C 91 19.15 7.38 -6.02
CA PRO C 91 18.65 6.95 -7.33
C PRO C 91 17.65 5.83 -7.19
N PRO C 92 16.63 5.78 -8.05
CA PRO C 92 15.68 4.66 -8.00
C PRO C 92 16.35 3.36 -8.38
N ARG C 93 15.86 2.27 -7.81
CA ARG C 93 16.41 0.95 -8.08
C ARG C 93 15.33 0.03 -8.67
#